data_2WWC
#
_entry.id   2WWC
#
_cell.length_a   59.540
_cell.length_b   68.800
_cell.length_c   75.640
_cell.angle_alpha   90.00
_cell.angle_beta   105.45
_cell.angle_gamma   90.00
#
_symmetry.space_group_name_H-M   'P 1 21 1'
#
loop_
_entity.id
_entity.type
_entity.pdbx_description
1 polymer 1,4-BETA-N-ACETYLMURAMIDASE
2 non-polymer GLYCEROL
3 non-polymer 'CHOLINE ION'
4 water water
#
_entity_poly.entity_id   1
_entity_poly.type   'polypeptide(L)'
_entity_poly.pdbx_seq_one_letter_code
;NETEVAKTSQDTTTASSSSEQNQSSNKTQTSAEVQTNAAAYWDGDYYVKDDGSKAQSEWIFDNYYKAWFYINSDGRYSQN
EWHGNYYLKSGGYMAQNEWIYDSNYKSWFYLKSDGAYAHQEWQLIGNKWYYFKKWGYMAKSQWQGSYFLNGQGAMIQNEW
LYDPAYSAYFYLKSDGTYANQEWQKVGGKWYYFKKWGYMARNEWQGNYYLTGSGAMATDEVIMDGARYIFAASGELKEKK
DLNVGWVHRDGKRYFFNNREEQVGTEHAKKIIDISEHNGRINDWKKVIDENEVDGVIVRLGYSGKEDKELAHNIKELNRL
GIPYGVYLYTYAENETDAENDAKQTIELIKKYNMNLSYPIYYDVQNWEYVNKSKRAPSDTDTWVKIINKYMDTMKQAGYQ
NVYVYSYRSLLQTRLKHPDILKHVNWVAAYTNALEWENPYYSGEKGWQYTSSEYMKGIQGRVDVSVWY
;
_entity_poly.pdbx_strand_id   A
#
loop_
_chem_comp.id
_chem_comp.type
_chem_comp.name
_chem_comp.formula
CHT non-polymer 'CHOLINE ION' 'C5 H14 N O 1'
GOL non-polymer GLYCEROL 'C3 H8 O3'
#
# COMPACT_ATOMS: atom_id res chain seq x y z
N ALA A 38 -59.97 27.42 6.00
CA ALA A 38 -60.96 28.20 6.80
C ALA A 38 -60.36 29.34 7.64
N ALA A 39 -59.16 29.12 8.21
CA ALA A 39 -58.59 30.10 9.16
C ALA A 39 -57.16 30.61 8.78
N ALA A 40 -56.13 29.95 9.30
CA ALA A 40 -54.76 30.33 9.01
C ALA A 40 -54.41 30.00 7.56
N TYR A 41 -53.46 30.75 6.99
CA TYR A 41 -53.10 30.54 5.60
C TYR A 41 -51.75 31.15 5.28
N TRP A 42 -51.10 30.57 4.27
CA TRP A 42 -49.86 31.11 3.71
C TRP A 42 -50.10 32.30 2.80
N ASP A 43 -49.31 33.34 3.00
CA ASP A 43 -49.34 34.50 2.12
C ASP A 43 -47.95 34.77 1.58
N GLY A 44 -47.59 34.09 0.49
CA GLY A 44 -46.18 34.11 0.03
C GLY A 44 -45.27 33.54 1.11
N ASP A 45 -44.28 34.32 1.54
CA ASP A 45 -43.30 33.91 2.54
C ASP A 45 -43.88 33.94 3.97
N TYR A 46 -45.04 34.59 4.13
CA TYR A 46 -45.64 34.83 5.45
C TYR A 46 -46.74 33.84 5.77
N TYR A 47 -47.02 33.70 7.06
CA TYR A 47 -48.05 32.77 7.51
C TYR A 47 -49.03 33.53 8.41
N VAL A 48 -50.31 33.50 8.04
CA VAL A 48 -51.33 34.21 8.80
C VAL A 48 -52.00 33.18 9.71
N LYS A 49 -51.94 33.43 11.02
CA LYS A 49 -52.38 32.43 12.00
C LYS A 49 -53.90 32.47 12.20
N ASP A 50 -54.41 31.57 13.05
CA ASP A 50 -55.85 31.54 13.42
C ASP A 50 -56.41 32.89 13.88
N ASP A 51 -55.63 33.62 14.68
CA ASP A 51 -56.09 34.91 15.21
C ASP A 51 -56.04 36.06 14.19
N GLY A 52 -55.63 35.77 12.96
CA GLY A 52 -55.54 36.80 11.92
C GLY A 52 -54.21 37.55 11.83
N SER A 53 -53.35 37.33 12.81
CA SER A 53 -52.03 37.98 12.83
C SER A 53 -50.96 37.13 12.12
N LYS A 54 -49.95 37.80 11.58
CA LYS A 54 -48.83 37.11 10.97
C LYS A 54 -47.95 36.44 12.01
N ALA A 55 -47.58 35.20 11.73
CA ALA A 55 -46.62 34.48 12.59
C ALA A 55 -45.28 35.21 12.61
N GLN A 56 -44.53 35.04 13.68
CA GLN A 56 -43.23 35.70 13.81
C GLN A 56 -42.39 34.95 14.86
N SER A 57 -41.15 34.62 14.51
CA SER A 57 -40.22 33.96 15.43
C SER A 57 -40.89 32.80 16.16
N GLU A 58 -41.37 31.82 15.39
CA GLU A 58 -42.10 30.70 15.98
C GLU A 58 -42.28 29.55 15.01
N TRP A 59 -42.48 28.36 15.58
CA TRP A 59 -42.77 27.18 14.80
C TRP A 59 -44.27 27.09 14.61
N ILE A 60 -44.66 26.71 13.40
CA ILE A 60 -46.06 26.47 13.13
C ILE A 60 -46.20 25.09 12.50
N PHE A 61 -47.29 24.39 12.80
CA PHE A 61 -47.54 23.11 12.17
C PHE A 61 -48.71 23.30 11.22
N ASP A 62 -48.48 23.00 9.94
CA ASP A 62 -49.52 23.16 8.93
C ASP A 62 -50.21 21.81 8.72
N ASN A 63 -51.50 21.73 9.04
CA ASN A 63 -52.24 20.46 8.91
C ASN A 63 -52.42 19.99 7.47
N TYR A 64 -52.46 20.93 6.52
CA TYR A 64 -52.62 20.58 5.11
C TYR A 64 -51.39 19.82 4.64
N TYR A 65 -50.21 20.36 4.92
CA TYR A 65 -48.96 19.71 4.58
C TYR A 65 -48.53 18.62 5.56
N LYS A 66 -49.11 18.63 6.76
CA LYS A 66 -48.66 17.76 7.85
C LYS A 66 -47.16 17.94 8.16
N ALA A 67 -46.72 19.19 8.19
CA ALA A 67 -45.31 19.49 8.39
C ALA A 67 -45.14 20.71 9.26
N TRP A 68 -43.97 20.78 9.88
CA TRP A 68 -43.58 21.93 10.68
C TRP A 68 -42.82 22.93 9.82
N PHE A 69 -42.97 24.20 10.16
CA PHE A 69 -42.30 25.33 9.48
C PHE A 69 -41.81 26.28 10.55
N TYR A 70 -40.65 26.89 10.32
CA TYR A 70 -40.14 27.92 11.23
C TYR A 70 -40.32 29.28 10.56
N ILE A 71 -41.03 30.16 11.27
CA ILE A 71 -41.25 31.53 10.80
C ILE A 71 -40.27 32.46 11.53
N ASN A 72 -39.47 33.19 10.76
CA ASN A 72 -38.45 34.06 11.34
C ASN A 72 -38.95 35.39 11.88
N SER A 73 -38.02 36.18 12.44
CA SER A 73 -38.41 37.43 13.08
C SER A 73 -38.97 38.41 12.06
N ASP A 74 -38.64 38.20 10.79
CA ASP A 74 -39.16 39.03 9.70
C ASP A 74 -40.48 38.50 9.17
N GLY A 75 -41.01 37.44 9.77
CA GLY A 75 -42.29 36.87 9.38
C GLY A 75 -42.23 35.91 8.21
N ARG A 76 -41.03 35.65 7.70
CA ARG A 76 -40.85 34.77 6.55
C ARG A 76 -40.39 33.37 6.94
N TYR A 77 -40.86 32.35 6.22
CA TYR A 77 -40.47 30.98 6.58
C TYR A 77 -39.02 30.69 6.22
N SER A 78 -38.36 29.91 7.06
CA SER A 78 -37.00 29.46 6.80
C SER A 78 -37.04 28.37 5.72
N GLN A 79 -36.04 28.33 4.85
CA GLN A 79 -35.95 27.20 3.93
C GLN A 79 -34.52 27.01 3.46
N ASN A 80 -34.15 25.77 3.14
CA ASN A 80 -32.75 25.48 2.77
C ASN A 80 -31.76 26.04 3.78
N GLU A 81 -32.05 25.81 5.06
CA GLU A 81 -31.23 26.32 6.15
C GLU A 81 -31.64 25.69 7.47
N TRP A 82 -30.77 25.89 8.47
CA TRP A 82 -30.95 25.34 9.80
C TRP A 82 -31.62 26.37 10.70
N HIS A 83 -32.37 25.87 11.66
CA HIS A 83 -32.80 26.66 12.81
C HIS A 83 -32.56 25.82 14.04
N GLY A 84 -31.49 26.13 14.78
CA GLY A 84 -31.15 25.39 16.00
C GLY A 84 -30.88 23.94 15.61
N ASN A 85 -31.62 23.01 16.21
CA ASN A 85 -31.39 21.59 15.95
C ASN A 85 -32.15 21.05 14.73
N TYR A 86 -32.82 21.92 13.99
CA TYR A 86 -33.75 21.50 12.92
C TYR A 86 -33.34 22.04 11.55
N TYR A 87 -33.62 21.27 10.49
CA TYR A 87 -33.28 21.69 9.15
C TYR A 87 -34.58 21.91 8.38
N LEU A 88 -34.68 23.06 7.71
CA LEU A 88 -35.85 23.37 6.91
C LEU A 88 -35.48 23.16 5.44
N LYS A 89 -36.22 22.26 4.79
CA LYS A 89 -35.95 21.87 3.40
C LYS A 89 -36.45 22.94 2.41
N SER A 90 -36.23 22.72 1.13
CA SER A 90 -36.74 23.60 0.11
C SER A 90 -38.26 23.70 0.28
N GLY A 91 -38.79 24.92 0.23
CA GLY A 91 -40.25 25.14 0.43
C GLY A 91 -40.65 25.22 1.92
N GLY A 92 -39.66 25.04 2.80
CA GLY A 92 -39.86 25.29 4.23
C GLY A 92 -40.12 24.08 5.11
N TYR A 93 -40.44 22.92 4.50
CA TYR A 93 -40.80 21.72 5.27
C TYR A 93 -39.66 21.25 6.19
N MET A 94 -39.97 21.11 7.48
CA MET A 94 -38.97 20.60 8.42
C MET A 94 -38.64 19.15 8.07
N ALA A 95 -37.34 18.89 7.96
CA ALA A 95 -36.87 17.52 7.71
C ALA A 95 -37.14 16.65 8.93
N GLN A 96 -37.53 15.39 8.70
CA GLN A 96 -37.86 14.46 9.79
C GLN A 96 -37.60 13.05 9.30
N ASN A 97 -36.94 12.23 10.12
CA ASN A 97 -36.65 10.84 9.77
C ASN A 97 -35.99 10.76 8.39
N GLU A 98 -34.96 11.57 8.16
CA GLU A 98 -34.33 11.54 6.85
C GLU A 98 -32.93 12.13 6.83
N TRP A 99 -32.19 11.72 5.82
CA TRP A 99 -30.87 12.28 5.56
C TRP A 99 -30.98 13.62 4.86
N ILE A 100 -30.03 14.50 5.18
CA ILE A 100 -29.86 15.76 4.46
C ILE A 100 -28.37 15.91 4.22
N TYR A 101 -27.99 16.22 2.98
CA TYR A 101 -26.61 16.59 2.70
C TYR A 101 -26.55 18.11 2.64
N ASP A 102 -25.74 18.72 3.51
CA ASP A 102 -25.59 20.17 3.53
C ASP A 102 -24.26 20.55 2.91
N SER A 103 -24.35 21.21 1.75
CA SER A 103 -23.18 21.58 0.97
C SER A 103 -22.31 22.67 1.62
N ASN A 104 -22.89 23.44 2.53
CA ASN A 104 -22.10 24.45 3.26
C ASN A 104 -21.18 23.78 4.26
N TYR A 105 -21.72 22.79 4.98
CA TYR A 105 -20.93 22.03 5.95
C TYR A 105 -20.16 20.88 5.31
N LYS A 106 -20.47 20.60 4.04
CA LYS A 106 -19.91 19.45 3.30
C LYS A 106 -20.04 18.18 4.12
N SER A 107 -21.25 17.93 4.59
CA SER A 107 -21.52 16.77 5.45
C SER A 107 -22.96 16.30 5.34
N TRP A 108 -23.14 14.99 5.50
CA TRP A 108 -24.46 14.43 5.75
C TRP A 108 -24.85 14.68 7.20
N PHE A 109 -26.16 14.83 7.40
CA PHE A 109 -26.76 14.94 8.75
C PHE A 109 -27.99 14.05 8.73
N TYR A 110 -28.43 13.56 9.89
CA TYR A 110 -29.66 12.79 9.91
C TYR A 110 -30.62 13.44 10.88
N LEU A 111 -31.83 13.74 10.41
CA LEU A 111 -32.82 14.36 11.28
C LEU A 111 -33.74 13.29 11.83
N LYS A 112 -33.84 13.22 13.15
CA LYS A 112 -34.58 12.16 13.84
C LYS A 112 -36.11 12.34 13.80
N SER A 113 -36.84 11.51 14.54
CA SER A 113 -38.32 11.51 14.48
C SER A 113 -38.97 12.84 14.89
N ASP A 114 -38.28 13.63 15.70
CA ASP A 114 -38.79 14.94 16.10
C ASP A 114 -38.13 16.07 15.32
N GLY A 115 -37.44 15.71 14.24
CA GLY A 115 -36.70 16.67 13.45
C GLY A 115 -35.32 17.04 13.95
N ALA A 116 -34.97 16.71 15.20
CA ALA A 116 -33.67 17.11 15.76
C ALA A 116 -32.54 16.33 15.13
N TYR A 117 -31.42 17.00 14.81
CA TYR A 117 -30.32 16.28 14.23
C TYR A 117 -29.69 15.31 15.22
N ALA A 118 -29.29 14.15 14.71
CA ALA A 118 -28.64 13.14 15.52
C ALA A 118 -27.23 13.64 15.85
N HIS A 119 -26.78 13.44 17.08
CA HIS A 119 -25.43 13.88 17.46
C HIS A 119 -24.91 13.09 18.64
N GLN A 120 -23.60 12.86 18.64
CA GLN A 120 -22.91 12.09 19.68
C GLN A 120 -23.71 10.82 20.01
N GLU A 121 -24.09 10.10 18.96
CA GLU A 121 -24.95 8.93 19.12
C GLU A 121 -24.98 8.08 17.87
N TRP A 122 -25.37 6.82 18.06
CA TRP A 122 -25.52 5.87 16.97
C TRP A 122 -26.98 5.84 16.51
N GLN A 123 -27.20 5.51 15.24
CA GLN A 123 -28.55 5.41 14.68
C GLN A 123 -28.56 4.27 13.70
N LEU A 124 -29.59 3.42 13.78
CA LEU A 124 -29.78 2.36 12.80
C LEU A 124 -30.69 2.92 11.72
N ILE A 125 -30.17 3.05 10.51
CA ILE A 125 -30.90 3.68 9.42
C ILE A 125 -30.78 2.85 8.16
N GLY A 126 -31.90 2.48 7.55
CA GLY A 126 -31.88 1.63 6.36
C GLY A 126 -31.08 0.35 6.62
N ASN A 127 -31.24 -0.18 7.84
CA ASN A 127 -30.60 -1.41 8.30
C ASN A 127 -29.07 -1.39 8.32
N LYS A 128 -28.49 -0.20 8.51
CA LYS A 128 -27.06 -0.05 8.70
C LYS A 128 -26.85 0.90 9.88
N TRP A 129 -25.75 0.74 10.60
CA TRP A 129 -25.47 1.60 11.75
C TRP A 129 -24.62 2.79 11.34
N TYR A 130 -24.96 3.99 11.86
CA TYR A 130 -24.24 5.22 11.55
C TYR A 130 -23.92 5.90 12.87
N TYR A 131 -22.82 6.64 12.90
CA TYR A 131 -22.46 7.39 14.09
C TYR A 131 -22.42 8.87 13.76
N PHE A 132 -23.01 9.68 14.62
CA PHE A 132 -23.02 11.15 14.47
C PHE A 132 -22.21 11.79 15.54
N LYS A 133 -21.29 12.63 15.10
CA LYS A 133 -20.36 13.30 15.99
C LYS A 133 -20.96 14.55 16.61
N LYS A 134 -20.15 15.28 17.38
CA LYS A 134 -20.62 16.52 17.95
C LYS A 134 -21.06 17.42 16.79
N TRP A 135 -22.13 18.18 17.01
CA TRP A 135 -22.75 19.08 16.01
C TRP A 135 -23.43 18.33 14.84
N GLY A 136 -23.48 17.00 14.92
CA GLY A 136 -24.31 16.21 14.00
C GLY A 136 -23.59 15.71 12.76
N TYR A 137 -22.33 16.09 12.59
CA TYR A 137 -21.58 15.62 11.42
C TYR A 137 -21.50 14.09 11.37
N MET A 138 -21.88 13.49 10.24
CA MET A 138 -21.84 12.04 10.15
C MET A 138 -20.38 11.55 10.20
N ALA A 139 -20.09 10.54 11.03
CA ALA A 139 -18.74 9.96 11.03
C ALA A 139 -18.52 9.19 9.73
N LYS A 140 -17.33 9.31 9.16
CA LYS A 140 -17.03 8.59 7.91
C LYS A 140 -15.53 8.35 7.80
N SER A 141 -15.19 7.18 7.25
CA SER A 141 -13.79 6.77 7.06
C SER A 141 -12.95 6.98 8.33
N GLN A 142 -13.51 6.53 9.46
CA GLN A 142 -12.87 6.79 10.76
C GLN A 142 -13.42 5.87 11.81
N TRP A 143 -12.66 5.70 12.88
CA TRP A 143 -13.11 4.88 14.02
C TRP A 143 -14.09 5.63 14.89
N GLN A 144 -14.94 4.85 15.56
CA GLN A 144 -15.72 5.32 16.69
C GLN A 144 -15.60 4.25 17.75
N GLY A 145 -14.63 4.44 18.67
CA GLY A 145 -14.31 3.40 19.62
C GLY A 145 -13.79 2.17 18.89
N SER A 146 -14.49 1.05 19.09
CA SER A 146 -14.06 -0.21 18.49
C SER A 146 -14.70 -0.51 17.13
N TYR A 147 -15.46 0.46 16.63
CA TYR A 147 -16.15 0.34 15.33
C TYR A 147 -15.52 1.24 14.31
N PHE A 148 -15.67 0.88 13.03
CA PHE A 148 -15.15 1.72 11.95
C PHE A 148 -16.28 2.02 10.97
N LEU A 149 -16.40 3.29 10.61
CA LEU A 149 -17.39 3.77 9.64
C LEU A 149 -16.74 3.91 8.28
N ASN A 150 -17.37 3.39 7.23
CA ASN A 150 -16.78 3.46 5.88
C ASN A 150 -17.03 4.85 5.23
N GLY A 151 -16.65 4.99 3.96
CA GLY A 151 -16.72 6.30 3.29
C GLY A 151 -18.14 6.81 3.11
N GLN A 152 -19.10 5.89 3.21
CA GLN A 152 -20.54 6.21 3.13
C GLN A 152 -21.17 6.30 4.53
N GLY A 153 -20.31 6.26 5.55
CA GLY A 153 -20.78 6.36 6.93
C GLY A 153 -21.23 5.05 7.60
N ALA A 154 -21.40 3.96 6.85
CA ALA A 154 -21.91 2.71 7.45
C ALA A 154 -20.85 1.99 8.30
N MET A 155 -21.25 1.51 9.48
CA MET A 155 -20.40 0.65 10.30
C MET A 155 -20.06 -0.58 9.47
N ILE A 156 -18.76 -0.89 9.37
CA ILE A 156 -18.37 -2.08 8.59
C ILE A 156 -18.41 -3.35 9.44
N GLN A 157 -18.76 -4.45 8.78
CA GLN A 157 -18.86 -5.76 9.43
C GLN A 157 -18.25 -6.81 8.52
N ASN A 158 -17.52 -7.77 9.11
CA ASN A 158 -16.85 -8.82 8.35
C ASN A 158 -15.96 -8.26 7.25
N GLU A 159 -15.12 -7.30 7.61
CA GLU A 159 -14.20 -6.71 6.65
C GLU A 159 -12.84 -6.44 7.23
N TRP A 160 -11.83 -6.65 6.39
CA TRP A 160 -10.48 -6.16 6.64
C TRP A 160 -10.43 -4.64 6.54
N LEU A 161 -9.57 -4.04 7.37
CA LEU A 161 -9.29 -2.62 7.27
C LEU A 161 -7.80 -2.37 7.43
N TYR A 162 -7.16 -1.82 6.42
CA TYR A 162 -5.82 -1.32 6.63
C TYR A 162 -5.95 0.15 7.00
N ASP A 163 -5.50 0.50 8.20
CA ASP A 163 -5.57 1.88 8.65
C ASP A 163 -4.15 2.45 8.72
N PRO A 164 -3.78 3.32 7.75
CA PRO A 164 -2.44 3.92 7.76
C PRO A 164 -2.15 4.75 9.01
N ALA A 165 -3.21 5.24 9.68
CA ALA A 165 -3.05 6.00 10.92
C ALA A 165 -2.39 5.16 12.01
N TYR A 166 -2.60 3.85 11.95
CA TYR A 166 -2.02 2.92 12.91
C TYR A 166 -0.99 2.00 12.24
N SER A 167 -0.90 2.09 10.91
CA SER A 167 0.02 1.28 10.10
C SER A 167 -0.14 -0.22 10.37
N ALA A 168 -1.35 -0.73 10.24
CA ALA A 168 -1.61 -2.14 10.50
C ALA A 168 -2.96 -2.55 9.99
N TYR A 169 -3.16 -3.85 9.89
CA TYR A 169 -4.47 -4.42 9.54
C TYR A 169 -5.28 -4.70 10.79
N PHE A 170 -6.58 -4.47 10.66
CA PHE A 170 -7.58 -4.77 11.68
C PHE A 170 -8.69 -5.55 10.97
N TYR A 171 -9.43 -6.34 11.72
CA TYR A 171 -10.58 -7.03 11.13
C TYR A 171 -11.81 -6.72 11.95
N LEU A 172 -12.80 -6.09 11.30
CA LEU A 172 -14.06 -5.81 11.94
C LEU A 172 -14.98 -7.02 11.85
N LYS A 173 -15.34 -7.55 13.02
CA LYS A 173 -16.11 -8.78 13.11
C LYS A 173 -17.59 -8.62 12.73
N SER A 174 -18.34 -9.73 12.81
CA SER A 174 -19.77 -9.72 12.48
C SER A 174 -20.55 -8.66 13.24
N ASP A 175 -20.17 -8.42 14.50
CA ASP A 175 -20.85 -7.42 15.32
C ASP A 175 -20.30 -5.99 15.15
N GLY A 176 -19.33 -5.81 14.23
CA GLY A 176 -18.79 -4.50 13.96
C GLY A 176 -17.57 -4.14 14.80
N THR A 177 -17.32 -4.90 15.87
CA THR A 177 -16.15 -4.59 16.74
C THR A 177 -14.85 -5.19 16.17
N TYR A 178 -13.72 -4.55 16.45
CA TYR A 178 -12.46 -5.07 15.94
C TYR A 178 -12.09 -6.35 16.67
N ALA A 179 -11.63 -7.34 15.90
CA ALA A 179 -11.15 -8.60 16.50
C ALA A 179 -10.00 -8.26 17.43
N ASN A 180 -9.99 -8.89 18.60
CA ASN A 180 -9.09 -8.47 19.66
C ASN A 180 -8.67 -9.66 20.54
N GLN A 181 -7.35 -9.88 20.63
CA GLN A 181 -6.80 -10.98 21.44
C GLN A 181 -7.51 -12.29 21.14
N GLU A 182 -7.61 -12.60 19.86
CA GLU A 182 -8.37 -13.78 19.45
C GLU A 182 -8.06 -14.16 18.02
N TRP A 183 -8.38 -15.42 17.73
CA TRP A 183 -8.30 -15.94 16.38
C TRP A 183 -9.56 -15.58 15.61
N GLN A 184 -9.41 -15.38 14.29
CA GLN A 184 -10.56 -15.28 13.37
C GLN A 184 -10.22 -16.03 12.11
N LYS A 185 -11.19 -16.81 11.62
CA LYS A 185 -11.07 -17.44 10.32
C LYS A 185 -11.69 -16.51 9.29
N VAL A 186 -10.89 -16.07 8.32
CA VAL A 186 -11.36 -15.16 7.28
C VAL A 186 -10.94 -15.71 5.92
N GLY A 187 -11.92 -15.84 5.03
CA GLY A 187 -11.68 -16.40 3.69
C GLY A 187 -10.86 -17.67 3.67
N GLY A 188 -11.18 -18.62 4.55
CA GLY A 188 -10.53 -19.93 4.54
C GLY A 188 -9.16 -20.04 5.22
N LYS A 189 -8.69 -18.94 5.80
CA LYS A 189 -7.39 -18.91 6.45
C LYS A 189 -7.57 -18.36 7.86
N TRP A 190 -6.64 -18.69 8.75
CA TRP A 190 -6.66 -18.23 10.14
C TRP A 190 -5.74 -17.08 10.39
N TYR A 191 -6.24 -16.10 11.16
CA TYR A 191 -5.50 -14.92 11.52
C TYR A 191 -5.64 -14.70 13.01
N TYR A 192 -4.61 -14.12 13.62
CA TYR A 192 -4.65 -13.83 15.06
C TYR A 192 -4.57 -12.33 15.25
N PHE A 193 -5.36 -11.82 16.20
CA PHE A 193 -5.41 -10.40 16.50
C PHE A 193 -5.01 -10.19 17.93
N LYS A 194 -4.05 -9.30 18.08
CA LYS A 194 -3.41 -9.01 19.35
C LYS A 194 -4.21 -7.97 20.14
N LYS A 195 -3.63 -7.51 21.23
CA LYS A 195 -4.30 -6.48 21.99
C LYS A 195 -4.39 -5.24 21.11
N TRP A 196 -5.51 -4.54 21.24
CA TRP A 196 -5.84 -3.36 20.43
C TRP A 196 -6.13 -3.71 18.96
N GLY A 197 -6.26 -5.01 18.67
CA GLY A 197 -6.72 -5.48 17.34
C GLY A 197 -5.69 -5.65 16.23
N TYR A 198 -4.43 -5.38 16.53
CA TYR A 198 -3.37 -5.49 15.51
C TYR A 198 -3.25 -6.91 14.98
N MET A 199 -3.39 -7.06 13.66
CA MET A 199 -3.17 -8.36 13.05
C MET A 199 -1.75 -8.82 13.26
N ALA A 200 -1.61 -10.04 13.78
CA ALA A 200 -0.28 -10.66 13.97
C ALA A 200 0.31 -11.01 12.61
N ARG A 201 1.62 -10.85 12.47
CA ARG A 201 2.31 -11.24 11.21
C ARG A 201 3.80 -11.42 11.43
N ASN A 202 4.38 -12.43 10.76
CA ASN A 202 5.78 -12.78 10.98
C ASN A 202 6.07 -13.00 12.46
N GLU A 203 5.19 -13.74 13.14
CA GLU A 203 5.33 -13.93 14.56
C GLU A 203 4.49 -15.11 15.02
N TRP A 204 4.89 -15.64 16.17
CA TRP A 204 4.21 -16.79 16.80
C TRP A 204 3.05 -16.33 17.66
N GLN A 205 2.04 -17.20 17.74
CA GLN A 205 1.01 -17.10 18.76
C GLN A 205 0.83 -18.52 19.28
N GLY A 206 1.37 -18.79 20.46
CA GLY A 206 1.42 -20.18 20.95
C GLY A 206 2.12 -21.14 20.00
N ASN A 207 1.45 -22.22 19.65
CA ASN A 207 2.00 -23.26 18.74
C ASN A 207 1.83 -22.92 17.26
N TYR A 208 1.30 -21.74 16.95
CA TYR A 208 1.00 -21.33 15.57
C TYR A 208 1.88 -20.17 15.14
N TYR A 209 2.18 -20.11 13.84
CA TYR A 209 3.04 -19.05 13.29
C TYR A 209 2.23 -18.30 12.25
N LEU A 210 2.13 -16.99 12.42
CA LEU A 210 1.45 -16.15 11.45
C LEU A 210 2.48 -15.63 10.47
N THR A 211 2.27 -15.96 9.20
CA THR A 211 3.17 -15.61 8.11
C THR A 211 3.07 -14.11 7.75
N GLY A 212 3.85 -13.68 6.76
CA GLY A 212 3.89 -12.26 6.36
C GLY A 212 2.56 -11.65 5.91
N SER A 213 1.67 -12.48 5.38
CA SER A 213 0.33 -12.02 5.00
C SER A 213 -0.61 -12.01 6.20
N GLY A 214 -0.11 -12.45 7.35
CA GLY A 214 -0.96 -12.67 8.51
C GLY A 214 -1.53 -14.07 8.61
N ALA A 215 -1.61 -14.78 7.47
CA ALA A 215 -2.22 -16.12 7.44
C ALA A 215 -1.42 -17.13 8.24
N MET A 216 -2.11 -17.96 9.01
CA MET A 216 -1.49 -19.04 9.78
C MET A 216 -0.76 -20.02 8.85
N ALA A 217 0.46 -20.38 9.21
CA ALA A 217 1.25 -21.33 8.41
C ALA A 217 0.60 -22.71 8.45
N THR A 218 0.50 -23.35 7.29
CA THR A 218 -0.11 -24.67 7.21
C THR A 218 0.82 -25.64 6.53
N ASP A 219 2.06 -25.20 6.31
CA ASP A 219 3.00 -25.92 5.49
C ASP A 219 4.37 -26.06 6.18
N GLU A 220 5.30 -25.26 5.71
CA GLU A 220 6.64 -25.20 6.25
C GLU A 220 7.03 -23.74 6.20
N VAL A 221 7.86 -23.32 7.15
CA VAL A 221 8.42 -21.98 7.12
C VAL A 221 9.91 -22.10 7.42
N ILE A 222 10.75 -21.53 6.56
CA ILE A 222 12.19 -21.51 6.80
C ILE A 222 12.55 -20.16 7.39
N MET A 223 12.98 -20.16 8.64
CA MET A 223 13.42 -18.94 9.31
C MET A 223 14.34 -19.31 10.46
N ASP A 224 15.07 -18.32 10.98
CA ASP A 224 16.02 -18.51 12.08
C ASP A 224 17.04 -19.60 11.77
N GLY A 225 17.38 -19.78 10.49
CA GLY A 225 18.25 -20.87 10.06
C GLY A 225 17.71 -22.27 10.31
N ALA A 226 16.38 -22.39 10.34
CA ALA A 226 15.74 -23.66 10.60
C ALA A 226 14.49 -23.81 9.73
N ARG A 227 14.06 -25.05 9.56
CA ARG A 227 12.84 -25.35 8.86
C ARG A 227 11.83 -25.74 9.91
N TYR A 228 10.70 -25.03 9.90
CA TYR A 228 9.60 -25.33 10.80
C TYR A 228 8.52 -26.03 10.01
N ILE A 229 8.08 -27.19 10.52
CA ILE A 229 7.11 -28.01 9.82
C ILE A 229 5.84 -27.99 10.64
N PHE A 230 4.74 -27.65 9.99
CA PHE A 230 3.44 -27.40 10.63
C PHE A 230 2.43 -28.40 10.14
N ALA A 231 1.50 -28.79 11.01
CA ALA A 231 0.35 -29.56 10.58
C ALA A 231 -0.53 -28.71 9.66
N ALA A 232 -1.37 -29.37 8.85
CA ALA A 232 -2.32 -28.68 7.96
C ALA A 232 -3.25 -27.77 8.77
N SER A 233 -3.44 -28.14 10.03
CA SER A 233 -4.29 -27.40 10.96
C SER A 233 -3.53 -26.30 11.70
N GLY A 234 -2.24 -26.18 11.41
CA GLY A 234 -1.43 -25.04 11.91
C GLY A 234 -0.46 -25.30 13.04
N GLU A 235 -0.68 -26.31 13.88
CA GLU A 235 0.24 -26.51 14.99
C GLU A 235 1.65 -26.94 14.55
N LEU A 236 2.67 -26.38 15.20
CA LEU A 236 4.05 -26.77 14.91
C LEU A 236 4.19 -28.26 15.23
N LYS A 237 4.83 -28.98 14.32
CA LYS A 237 5.10 -30.41 14.51
C LYS A 237 6.58 -30.67 14.76
N GLU A 238 7.44 -29.95 14.05
CA GLU A 238 8.86 -30.20 14.09
C GLU A 238 9.67 -28.99 13.65
N LYS A 239 10.86 -28.85 14.23
CA LYS A 239 11.82 -27.84 13.81
C LYS A 239 13.15 -28.55 13.50
N LYS A 240 13.67 -28.31 12.30
CA LYS A 240 14.90 -28.97 11.84
C LYS A 240 15.90 -27.89 11.50
N ASP A 241 17.06 -27.93 12.16
CA ASP A 241 18.10 -26.95 11.91
C ASP A 241 18.64 -27.10 10.50
N LEU A 242 18.98 -25.95 9.91
CA LEU A 242 19.52 -25.88 8.57
C LEU A 242 20.75 -25.00 8.65
N ASN A 243 21.62 -25.10 7.67
CA ASN A 243 22.78 -24.23 7.57
C ASN A 243 22.82 -23.65 6.16
N VAL A 244 21.86 -22.77 5.87
CA VAL A 244 21.66 -22.17 4.54
C VAL A 244 22.01 -20.70 4.58
N GLY A 245 21.78 -20.02 3.46
CA GLY A 245 22.20 -18.62 3.30
C GLY A 245 23.67 -18.52 2.95
N TRP A 246 24.31 -17.43 3.37
CA TRP A 246 25.76 -17.25 3.12
C TRP A 246 26.54 -18.01 4.17
N VAL A 247 27.26 -19.04 3.73
CA VAL A 247 27.95 -19.90 4.68
C VAL A 247 29.44 -20.01 4.31
N HIS A 248 30.30 -19.94 5.31
CA HIS A 248 31.73 -20.18 5.11
C HIS A 248 31.99 -21.62 5.49
N ARG A 249 32.36 -22.42 4.50
CA ARG A 249 32.54 -23.85 4.68
C ARG A 249 33.83 -24.30 4.01
N ASP A 250 34.60 -25.10 4.75
CA ASP A 250 35.89 -25.60 4.29
C ASP A 250 36.72 -24.56 3.56
N GLY A 251 36.85 -23.41 4.21
CA GLY A 251 37.74 -22.35 3.75
C GLY A 251 37.22 -21.45 2.64
N LYS A 252 35.98 -21.67 2.20
CA LYS A 252 35.42 -20.84 1.14
C LYS A 252 34.02 -20.38 1.50
N ARG A 253 33.54 -19.33 0.81
CA ARG A 253 32.18 -18.86 1.04
C ARG A 253 31.23 -19.27 -0.10
N TYR A 254 30.05 -19.77 0.29
CA TYR A 254 29.02 -20.16 -0.68
C TYR A 254 27.69 -19.58 -0.30
N PHE A 255 26.76 -19.55 -1.24
CA PHE A 255 25.37 -19.25 -0.91
C PHE A 255 24.52 -20.50 -1.11
N PHE A 256 23.74 -20.84 -0.09
CA PHE A 256 22.77 -21.94 -0.14
C PHE A 256 21.36 -21.39 -0.07
N ASN A 257 20.52 -21.78 -1.03
CA ASN A 257 19.10 -21.39 -0.93
C ASN A 257 18.41 -22.16 0.18
N ASN A 258 17.14 -21.85 0.42
CA ASN A 258 16.42 -22.48 1.55
C ASN A 258 16.09 -23.95 1.31
N ARG A 259 16.37 -24.44 0.10
CA ARG A 259 16.28 -25.88 -0.17
C ARG A 259 17.62 -26.58 0.10
N GLU A 260 18.57 -25.80 0.65
CA GLU A 260 19.89 -26.26 0.99
C GLU A 260 20.70 -26.59 -0.25
N GLU A 261 20.39 -25.90 -1.35
CA GLU A 261 21.09 -26.09 -2.62
C GLU A 261 22.10 -24.95 -2.84
N GLN A 262 23.31 -25.30 -3.22
CA GLN A 262 24.35 -24.30 -3.50
C GLN A 262 23.96 -23.53 -4.76
N VAL A 263 24.07 -22.21 -4.67
CA VAL A 263 23.78 -21.37 -5.81
C VAL A 263 25.10 -20.77 -6.26
N GLY A 264 25.52 -21.11 -7.49
CA GLY A 264 26.81 -20.57 -7.99
C GLY A 264 27.96 -21.31 -7.37
N THR A 265 29.13 -20.66 -7.34
CA THR A 265 30.36 -21.29 -6.92
C THR A 265 30.92 -20.57 -5.68
N GLU A 266 32.16 -20.90 -5.31
CA GLU A 266 32.85 -20.18 -4.23
C GLU A 266 32.99 -18.67 -4.53
N HIS A 267 32.79 -18.30 -5.79
CA HIS A 267 32.92 -16.90 -6.20
C HIS A 267 31.56 -16.17 -6.26
N ALA A 268 30.51 -16.82 -5.78
CA ALA A 268 29.17 -16.21 -5.76
C ALA A 268 29.26 -14.87 -4.99
N LYS A 269 28.66 -13.80 -5.53
CA LYS A 269 28.78 -12.48 -4.90
C LYS A 269 27.50 -12.06 -4.21
N LYS A 270 27.66 -11.32 -3.11
CA LYS A 270 26.56 -10.82 -2.31
C LYS A 270 26.34 -9.37 -2.72
N ILE A 271 25.20 -9.11 -3.33
CA ILE A 271 24.90 -7.77 -3.85
C ILE A 271 23.65 -7.23 -3.17
N ILE A 272 23.74 -6.03 -2.58
CA ILE A 272 22.55 -5.41 -2.00
C ILE A 272 22.04 -4.37 -2.98
N ASP A 273 20.76 -3.97 -2.85
CA ASP A 273 20.29 -2.82 -3.62
C ASP A 273 19.69 -1.83 -2.63
N ILE A 274 20.01 -0.55 -2.83
CA ILE A 274 19.71 0.47 -1.85
C ILE A 274 18.99 1.62 -2.53
N SER A 275 18.14 2.31 -1.77
CA SER A 275 17.41 3.47 -2.27
C SER A 275 17.22 4.42 -1.10
N GLU A 276 16.54 5.53 -1.35
CA GLU A 276 16.25 6.48 -0.27
C GLU A 276 15.42 5.80 0.84
N HIS A 277 14.74 4.73 0.47
CA HIS A 277 13.90 3.99 1.42
C HIS A 277 14.70 3.31 2.53
N ASN A 278 16.00 3.15 2.31
CA ASN A 278 16.91 2.63 3.35
C ASN A 278 17.43 3.72 4.26
N GLY A 279 17.04 4.97 3.97
CA GLY A 279 17.58 6.13 4.68
C GLY A 279 19.00 6.47 4.27
N ARG A 280 19.61 7.42 4.98
CA ARG A 280 21.00 7.79 4.73
C ARG A 280 21.96 6.76 5.36
N ILE A 281 22.85 6.20 4.54
CA ILE A 281 23.83 5.23 5.04
C ILE A 281 24.97 5.98 5.74
N ASN A 282 25.10 5.81 7.06
CA ASN A 282 26.09 6.57 7.84
C ASN A 282 27.55 6.18 7.51
N ASP A 283 27.79 4.87 7.40
CA ASP A 283 29.16 4.38 7.24
C ASP A 283 29.14 3.26 6.21
N TRP A 284 29.44 3.60 4.95
CA TRP A 284 29.43 2.61 3.87
C TRP A 284 30.50 1.55 4.04
N LYS A 285 31.68 1.98 4.46
CA LYS A 285 32.80 1.04 4.65
C LYS A 285 32.40 -0.06 5.66
N LYS A 286 31.74 0.35 6.74
CA LYS A 286 31.21 -0.60 7.73
C LYS A 286 30.27 -1.62 7.09
N VAL A 287 29.31 -1.10 6.32
CA VAL A 287 28.32 -1.97 5.63
C VAL A 287 29.02 -3.02 4.76
N ILE A 288 29.97 -2.56 3.96
CA ILE A 288 30.69 -3.49 3.07
C ILE A 288 31.47 -4.54 3.85
N ASP A 289 32.33 -4.11 4.78
CA ASP A 289 33.19 -5.09 5.49
C ASP A 289 32.40 -6.02 6.39
N GLU A 290 31.54 -5.45 7.24
CA GLU A 290 30.90 -6.28 8.25
C GLU A 290 29.91 -7.27 7.65
N ASN A 291 29.37 -6.96 6.47
CA ASN A 291 28.38 -7.86 5.85
C ASN A 291 28.96 -8.59 4.64
N GLU A 292 30.24 -8.36 4.35
CA GLU A 292 30.91 -9.04 3.25
C GLU A 292 30.15 -8.79 1.96
N VAL A 293 29.86 -7.50 1.68
CA VAL A 293 29.10 -7.16 0.47
C VAL A 293 30.04 -6.86 -0.69
N ASP A 294 29.84 -7.57 -1.82
CA ASP A 294 30.69 -7.39 -2.99
C ASP A 294 30.32 -6.22 -3.89
N GLY A 295 29.09 -5.75 -3.81
CA GLY A 295 28.67 -4.67 -4.69
C GLY A 295 27.28 -4.20 -4.36
N VAL A 296 26.87 -3.10 -5.00
CA VAL A 296 25.59 -2.45 -4.67
C VAL A 296 24.89 -2.03 -5.97
N ILE A 297 23.57 -2.18 -6.02
CA ILE A 297 22.81 -1.59 -7.11
C ILE A 297 22.04 -0.44 -6.49
N VAL A 298 22.33 0.77 -6.96
CA VAL A 298 21.77 2.00 -6.38
C VAL A 298 20.57 2.48 -7.18
N ARG A 299 19.49 2.82 -6.46
CA ARG A 299 18.33 3.37 -7.13
C ARG A 299 18.60 4.79 -7.60
N LEU A 300 18.38 4.99 -8.89
CA LEU A 300 18.46 6.31 -9.50
C LEU A 300 17.25 7.15 -9.10
N GLY A 301 16.10 6.49 -9.04
CA GLY A 301 14.83 7.11 -8.76
C GLY A 301 13.79 6.33 -9.52
N TYR A 302 12.69 7.02 -9.89
CA TYR A 302 11.68 6.43 -10.75
C TYR A 302 11.40 7.41 -11.88
N SER A 303 10.65 6.98 -12.90
CA SER A 303 10.31 7.86 -14.03
C SER A 303 9.97 9.27 -13.52
N GLY A 304 10.78 10.26 -13.91
CA GLY A 304 10.49 11.66 -13.60
C GLY A 304 10.96 12.20 -12.26
N LYS A 305 11.53 11.35 -11.42
CA LYS A 305 11.98 11.78 -10.10
C LYS A 305 13.31 11.13 -9.71
N GLU A 306 14.25 11.94 -9.23
CA GLU A 306 15.53 11.45 -8.72
C GLU A 306 15.40 10.95 -7.28
N ASP A 307 16.09 9.86 -6.98
CA ASP A 307 16.13 9.30 -5.62
C ASP A 307 16.86 10.28 -4.70
N LYS A 308 16.29 10.50 -3.52
CA LYS A 308 16.82 11.49 -2.55
C LYS A 308 18.22 11.20 -2.04
N GLU A 309 18.60 9.91 -2.03
CA GLU A 309 19.90 9.51 -1.50
C GLU A 309 20.92 9.20 -2.60
N LEU A 310 20.50 9.34 -3.86
CA LEU A 310 21.40 9.04 -4.97
C LEU A 310 22.72 9.83 -4.91
N ALA A 311 22.63 11.15 -4.75
CA ALA A 311 23.82 11.98 -4.72
C ALA A 311 24.82 11.52 -3.65
N HIS A 312 24.32 11.29 -2.43
CA HIS A 312 25.18 10.88 -1.33
C HIS A 312 25.77 9.47 -1.58
N ASN A 313 24.90 8.56 -2.01
CA ASN A 313 25.31 7.19 -2.30
C ASN A 313 26.42 7.11 -3.36
N ILE A 314 26.22 7.79 -4.48
CA ILE A 314 27.26 7.81 -5.54
C ILE A 314 28.58 8.42 -5.03
N LYS A 315 28.48 9.53 -4.31
CA LYS A 315 29.65 10.20 -3.76
C LYS A 315 30.49 9.25 -2.90
N GLU A 316 29.82 8.59 -1.96
CA GLU A 316 30.49 7.64 -1.06
C GLU A 316 31.00 6.40 -1.77
N LEU A 317 30.18 5.81 -2.65
CA LEU A 317 30.61 4.60 -3.34
C LEU A 317 31.84 4.88 -4.25
N ASN A 318 31.83 6.02 -4.92
CA ASN A 318 33.00 6.43 -5.73
C ASN A 318 34.23 6.66 -4.86
N ARG A 319 34.06 7.39 -3.78
CA ARG A 319 35.17 7.68 -2.88
C ARG A 319 35.86 6.42 -2.35
N LEU A 320 35.04 5.44 -1.96
CA LEU A 320 35.54 4.20 -1.39
C LEU A 320 35.87 3.12 -2.42
N GLY A 321 35.59 3.37 -3.70
CA GLY A 321 35.86 2.39 -4.75
C GLY A 321 35.06 1.10 -4.57
N ILE A 322 33.82 1.24 -4.11
CA ILE A 322 32.93 0.09 -3.94
C ILE A 322 32.21 -0.15 -5.28
N PRO A 323 32.24 -1.39 -5.81
CA PRO A 323 31.62 -1.64 -7.13
C PRO A 323 30.11 -1.45 -7.07
N TYR A 324 29.55 -0.75 -8.06
CA TYR A 324 28.09 -0.61 -8.09
C TYR A 324 27.49 -0.52 -9.49
N GLY A 325 26.20 -0.81 -9.56
CA GLY A 325 25.38 -0.56 -10.74
C GLY A 325 24.23 0.33 -10.29
N VAL A 326 23.25 0.54 -11.16
CA VAL A 326 22.11 1.39 -10.83
C VAL A 326 20.82 0.85 -11.41
N TYR A 327 19.69 1.35 -10.90
CA TYR A 327 18.39 0.94 -11.44
C TYR A 327 17.37 2.07 -11.44
N LEU A 328 16.44 1.99 -12.38
CA LEU A 328 15.37 2.97 -12.51
C LEU A 328 14.04 2.25 -12.52
N TYR A 329 13.15 2.62 -11.60
CA TYR A 329 11.83 2.02 -11.52
C TYR A 329 10.97 2.75 -12.56
N THR A 330 10.43 2.01 -13.51
CA THR A 330 9.72 2.68 -14.59
C THR A 330 8.21 2.76 -14.37
N TYR A 331 7.63 3.89 -14.78
CA TYR A 331 6.17 4.07 -14.86
C TYR A 331 5.74 4.27 -16.32
N ALA A 332 6.54 3.76 -17.25
CA ALA A 332 6.30 3.89 -18.68
C ALA A 332 4.99 3.23 -19.12
N GLU A 333 4.30 3.87 -20.07
CA GLU A 333 3.07 3.35 -20.69
C GLU A 333 3.30 3.05 -22.16
N ASN A 334 4.34 3.65 -22.72
CA ASN A 334 4.60 3.61 -24.14
C ASN A 334 6.05 3.96 -24.48
N GLU A 335 6.37 3.92 -25.77
CA GLU A 335 7.73 4.14 -26.27
C GLU A 335 8.27 5.52 -25.97
N THR A 336 7.39 6.52 -25.95
CA THR A 336 7.81 7.87 -25.61
C THR A 336 8.31 7.91 -24.17
N ASP A 337 7.53 7.34 -23.25
CA ASP A 337 7.92 7.25 -21.84
C ASP A 337 9.27 6.53 -21.71
N ALA A 338 9.44 5.44 -22.46
CA ALA A 338 10.67 4.63 -22.40
C ALA A 338 11.89 5.44 -22.86
N GLU A 339 11.73 6.23 -23.92
CA GLU A 339 12.85 7.04 -24.37
C GLU A 339 13.16 8.13 -23.34
N ASN A 340 12.12 8.69 -22.74
CA ASN A 340 12.31 9.63 -21.64
C ASN A 340 12.99 9.00 -20.41
N ASP A 341 12.64 7.74 -20.11
CA ASP A 341 13.31 7.00 -19.03
C ASP A 341 14.80 6.87 -19.33
N ALA A 342 15.13 6.52 -20.57
CA ALA A 342 16.53 6.43 -21.03
C ALA A 342 17.24 7.78 -20.93
N LYS A 343 16.58 8.85 -21.38
CA LYS A 343 17.19 10.19 -21.24
C LYS A 343 17.47 10.56 -19.79
N GLN A 344 16.54 10.22 -18.89
CA GLN A 344 16.70 10.55 -17.48
C GLN A 344 17.90 9.78 -16.92
N THR A 345 17.98 8.51 -17.29
CA THR A 345 19.05 7.62 -16.83
C THR A 345 20.41 8.20 -17.22
N ILE A 346 20.54 8.60 -18.49
CA ILE A 346 21.79 9.14 -19.02
C ILE A 346 22.15 10.45 -18.31
N GLU A 347 21.16 11.32 -18.16
CA GLU A 347 21.36 12.59 -17.48
C GLU A 347 21.95 12.39 -16.10
N LEU A 348 21.40 11.45 -15.34
CA LEU A 348 21.86 11.23 -13.97
C LEU A 348 23.28 10.65 -13.93
N ILE A 349 23.58 9.71 -14.84
CA ILE A 349 24.90 9.07 -14.88
C ILE A 349 26.01 10.14 -15.02
N LYS A 350 25.85 11.04 -15.98
CA LYS A 350 26.86 12.08 -16.19
C LYS A 350 26.86 13.09 -15.05
N LYS A 351 25.68 13.50 -14.61
CA LYS A 351 25.54 14.46 -13.50
C LYS A 351 26.40 14.06 -12.30
N TYR A 352 26.34 12.77 -11.92
CA TYR A 352 27.05 12.27 -10.73
C TYR A 352 28.36 11.54 -11.00
N ASN A 353 28.89 11.65 -12.22
CA ASN A 353 30.12 10.97 -12.59
C ASN A 353 30.15 9.51 -12.18
N MET A 354 29.10 8.79 -12.53
CA MET A 354 28.96 7.40 -12.08
C MET A 354 29.95 6.50 -12.81
N ASN A 355 30.58 5.59 -12.07
CA ASN A 355 31.52 4.60 -12.56
C ASN A 355 30.83 3.27 -12.40
N LEU A 356 30.34 2.70 -13.49
CA LEU A 356 29.41 1.57 -13.36
C LEU A 356 30.12 0.25 -13.50
N SER A 357 30.26 -0.48 -12.38
CA SER A 357 30.85 -1.81 -12.42
C SER A 357 29.83 -2.88 -12.73
N TYR A 358 28.60 -2.65 -12.27
CA TYR A 358 27.45 -3.51 -12.53
C TYR A 358 26.56 -2.81 -13.53
N PRO A 359 25.59 -3.54 -14.12
CA PRO A 359 24.72 -2.95 -15.13
C PRO A 359 23.82 -1.82 -14.70
N ILE A 360 23.25 -1.18 -15.72
CA ILE A 360 22.15 -0.26 -15.58
C ILE A 360 20.90 -1.12 -15.73
N TYR A 361 20.00 -1.02 -14.74
CA TYR A 361 18.78 -1.84 -14.68
C TYR A 361 17.48 -1.08 -14.89
N TYR A 362 16.68 -1.59 -15.82
CA TYR A 362 15.33 -1.10 -16.03
C TYR A 362 14.42 -1.97 -15.15
N ASP A 363 13.93 -1.39 -14.05
CA ASP A 363 13.15 -2.12 -13.05
C ASP A 363 11.67 -2.10 -13.48
N VAL A 364 11.21 -3.23 -14.03
CA VAL A 364 9.87 -3.31 -14.62
C VAL A 364 8.94 -4.09 -13.71
N GLN A 365 7.87 -3.42 -13.28
CA GLN A 365 6.91 -4.05 -12.39
C GLN A 365 5.49 -3.76 -12.80
N ASN A 366 4.52 -4.38 -12.10
CA ASN A 366 3.11 -4.10 -12.37
C ASN A 366 2.76 -2.77 -11.72
N TRP A 367 3.30 -1.67 -12.26
CA TRP A 367 3.21 -0.39 -11.58
C TRP A 367 1.80 0.17 -11.58
N GLU A 368 1.53 1.00 -10.58
CA GLU A 368 0.27 1.72 -10.48
C GLU A 368 0.52 2.99 -9.70
N TYR A 369 0.02 4.11 -10.21
CA TYR A 369 0.12 5.40 -9.51
C TYR A 369 -0.47 5.30 -8.10
N VAL A 370 0.13 6.03 -7.15
CA VAL A 370 -0.38 6.12 -5.78
C VAL A 370 -1.89 6.44 -5.78
N ASN A 371 -2.28 7.51 -6.48
CA ASN A 371 -3.69 7.91 -6.58
C ASN A 371 -4.53 6.98 -7.46
N LYS A 372 -3.91 5.91 -7.95
CA LYS A 372 -4.57 4.89 -8.78
C LYS A 372 -5.13 5.40 -10.12
N SER A 373 -4.75 6.60 -10.50
CA SER A 373 -5.23 7.21 -11.74
C SER A 373 -4.73 6.51 -13.01
N LYS A 374 -3.60 5.81 -12.88
CA LYS A 374 -3.04 5.02 -13.99
C LYS A 374 -2.37 3.73 -13.50
N ARG A 375 -2.31 2.74 -14.39
CA ARG A 375 -1.63 1.47 -14.10
C ARG A 375 -0.95 0.93 -15.35
N ALA A 376 0.03 0.06 -15.15
CA ALA A 376 0.86 -0.49 -16.24
C ALA A 376 0.03 -1.15 -17.34
N PRO A 377 0.45 -1.01 -18.61
CA PRO A 377 -0.15 -1.77 -19.70
C PRO A 377 -0.10 -3.28 -19.41
N SER A 378 -1.21 -3.97 -19.64
CA SER A 378 -1.29 -5.40 -19.33
C SER A 378 -0.76 -6.29 -20.46
N ASP A 379 -0.68 -5.77 -21.67
CA ASP A 379 -0.31 -6.63 -22.80
C ASP A 379 1.20 -6.72 -23.00
N THR A 380 1.64 -7.92 -23.37
CA THR A 380 3.06 -8.22 -23.60
C THR A 380 3.66 -7.35 -24.72
N ASP A 381 2.95 -7.22 -25.85
CA ASP A 381 3.52 -6.51 -26.99
C ASP A 381 3.84 -5.05 -26.67
N THR A 382 3.03 -4.41 -25.84
CA THR A 382 3.32 -3.02 -25.43
C THR A 382 4.63 -2.98 -24.63
N TRP A 383 4.82 -3.96 -23.75
CA TRP A 383 6.05 -4.01 -22.95
C TRP A 383 7.27 -4.36 -23.78
N VAL A 384 7.07 -5.18 -24.81
CA VAL A 384 8.12 -5.48 -25.79
C VAL A 384 8.61 -4.17 -26.40
N LYS A 385 7.67 -3.31 -26.82
CA LYS A 385 8.03 -2.01 -27.40
C LYS A 385 8.67 -1.06 -26.37
N ILE A 386 8.08 -0.98 -25.18
CA ILE A 386 8.61 -0.13 -24.10
C ILE A 386 10.05 -0.52 -23.75
N ILE A 387 10.24 -1.79 -23.42
CA ILE A 387 11.57 -2.30 -23.03
C ILE A 387 12.62 -2.12 -24.13
N ASN A 388 12.28 -2.50 -25.35
CA ASN A 388 13.26 -2.40 -26.45
C ASN A 388 13.62 -0.95 -26.84
N LYS A 389 12.70 -0.03 -26.62
CA LYS A 389 12.96 1.39 -26.86
C LYS A 389 13.93 1.90 -25.80
N TYR A 390 13.76 1.44 -24.57
CA TYR A 390 14.68 1.84 -23.52
C TYR A 390 16.09 1.32 -23.85
N MET A 391 16.17 0.05 -24.23
CA MET A 391 17.42 -0.60 -24.55
C MET A 391 18.12 0.07 -25.73
N ASP A 392 17.36 0.26 -26.82
CA ASP A 392 17.90 0.88 -28.04
C ASP A 392 18.42 2.29 -27.78
N THR A 393 17.68 3.06 -26.99
CA THR A 393 18.08 4.44 -26.66
C THR A 393 19.36 4.44 -25.84
N MET A 394 19.42 3.59 -24.81
CA MET A 394 20.63 3.48 -23.99
C MET A 394 21.83 3.07 -24.83
N LYS A 395 21.62 2.06 -25.69
CA LYS A 395 22.66 1.55 -26.56
C LYS A 395 23.19 2.62 -27.51
N GLN A 396 22.27 3.36 -28.12
CA GLN A 396 22.63 4.44 -29.05
C GLN A 396 23.45 5.52 -28.35
N ALA A 397 23.27 5.65 -27.03
CA ALA A 397 23.97 6.66 -26.25
C ALA A 397 25.33 6.17 -25.73
N GLY A 398 25.68 4.93 -26.05
CA GLY A 398 26.99 4.39 -25.71
C GLY A 398 27.03 3.48 -24.51
N TYR A 399 25.86 3.21 -23.94
CA TYR A 399 25.72 2.31 -22.80
C TYR A 399 25.28 0.92 -23.26
N GLN A 400 26.20 -0.03 -23.18
CA GLN A 400 25.96 -1.39 -23.68
C GLN A 400 25.64 -2.38 -22.56
N ASN A 401 25.88 -1.99 -21.31
CA ASN A 401 25.63 -2.89 -20.20
C ASN A 401 24.33 -2.53 -19.51
N VAL A 402 23.21 -2.91 -20.15
CA VAL A 402 21.87 -2.53 -19.73
C VAL A 402 20.97 -3.74 -19.74
N TYR A 403 20.24 -3.96 -18.65
CA TYR A 403 19.39 -5.14 -18.50
C TYR A 403 18.07 -4.82 -17.83
N VAL A 404 17.17 -5.80 -17.80
CA VAL A 404 15.87 -5.70 -17.14
C VAL A 404 15.91 -6.47 -15.82
N TYR A 405 15.32 -5.88 -14.79
CA TYR A 405 15.01 -6.57 -13.53
C TYR A 405 13.51 -6.67 -13.41
N SER A 406 13.02 -7.82 -12.95
CA SER A 406 11.62 -7.96 -12.61
C SER A 406 11.45 -9.14 -11.67
N TYR A 407 10.20 -9.47 -11.37
CA TYR A 407 9.90 -10.58 -10.49
C TYR A 407 9.40 -11.80 -11.27
N ARG A 408 9.69 -12.98 -10.74
CA ARG A 408 9.45 -14.27 -11.41
C ARG A 408 8.03 -14.37 -12.04
N SER A 409 7.01 -14.01 -11.29
CA SER A 409 5.65 -14.22 -11.78
C SER A 409 5.34 -13.33 -12.99
N LEU A 410 5.88 -12.11 -12.97
CA LEU A 410 5.70 -11.21 -14.11
C LEU A 410 6.44 -11.77 -15.33
N LEU A 411 7.63 -12.33 -15.08
CA LEU A 411 8.46 -12.91 -16.13
C LEU A 411 7.84 -14.19 -16.71
N GLN A 412 6.99 -14.85 -15.92
CA GLN A 412 6.26 -16.04 -16.37
C GLN A 412 4.98 -15.71 -17.12
N THR A 413 4.59 -14.43 -17.09
CA THR A 413 3.29 -14.02 -17.64
C THR A 413 3.45 -12.82 -18.59
N ARG A 414 3.23 -11.60 -18.08
CA ARG A 414 3.25 -10.37 -18.87
C ARG A 414 4.54 -10.18 -19.67
N LEU A 415 5.68 -10.56 -19.08
CA LEU A 415 6.97 -10.28 -19.70
C LEU A 415 7.55 -11.51 -20.39
N LYS A 416 6.75 -12.57 -20.50
CA LYS A 416 7.22 -13.78 -21.16
C LYS A 416 7.22 -13.60 -22.67
N HIS A 417 8.33 -13.08 -23.19
CA HIS A 417 8.51 -12.86 -24.62
C HIS A 417 10.01 -12.89 -24.89
N PRO A 418 10.44 -13.61 -25.95
CA PRO A 418 11.87 -13.71 -26.28
C PRO A 418 12.60 -12.36 -26.31
N ASP A 419 11.95 -11.31 -26.83
CA ASP A 419 12.60 -10.01 -26.95
C ASP A 419 12.62 -9.22 -25.65
N ILE A 420 11.94 -9.72 -24.62
CA ILE A 420 12.05 -9.14 -23.29
C ILE A 420 13.06 -9.96 -22.49
N LEU A 421 12.82 -11.27 -22.46
CA LEU A 421 13.63 -12.19 -21.68
C LEU A 421 15.13 -12.20 -22.04
N LYS A 422 15.45 -11.90 -23.28
CA LYS A 422 16.84 -11.79 -23.68
C LYS A 422 17.62 -10.70 -22.90
N HIS A 423 16.89 -9.75 -22.33
CA HIS A 423 17.49 -8.66 -21.53
C HIS A 423 17.46 -8.90 -20.01
N VAL A 424 16.90 -10.03 -19.58
CA VAL A 424 16.63 -10.27 -18.14
C VAL A 424 17.74 -11.10 -17.51
N ASN A 425 18.46 -10.49 -16.57
CA ASN A 425 19.47 -11.24 -15.81
C ASN A 425 19.53 -10.92 -14.31
N TRP A 426 18.47 -10.28 -13.82
CA TRP A 426 18.31 -10.02 -12.40
C TRP A 426 16.84 -10.22 -12.04
N VAL A 427 16.57 -11.23 -11.23
CA VAL A 427 15.20 -11.72 -11.01
C VAL A 427 14.87 -11.79 -9.53
N ALA A 428 13.70 -11.27 -9.16
CA ALA A 428 13.24 -11.29 -7.77
C ALA A 428 12.31 -12.47 -7.54
N ALA A 429 12.56 -13.20 -6.46
CA ALA A 429 11.67 -14.27 -6.00
C ALA A 429 12.08 -14.54 -4.56
N TYR A 430 11.23 -14.13 -3.62
CA TYR A 430 11.53 -14.30 -2.20
C TYR A 430 11.02 -15.64 -1.75
N THR A 431 11.62 -16.67 -2.32
CA THR A 431 11.15 -18.05 -2.21
C THR A 431 12.30 -18.96 -1.79
N ASN A 432 11.98 -20.24 -1.56
CA ASN A 432 13.02 -21.18 -1.14
C ASN A 432 14.06 -21.50 -2.19
N ALA A 433 13.66 -21.40 -3.47
CA ALA A 433 14.55 -21.56 -4.62
C ALA A 433 13.99 -20.70 -5.75
N LEU A 434 14.85 -20.28 -6.66
CA LEU A 434 14.37 -19.52 -7.80
C LEU A 434 13.55 -20.40 -8.75
N GLU A 435 14.11 -21.57 -9.08
CA GLU A 435 13.45 -22.56 -9.95
C GLU A 435 12.75 -21.85 -11.11
N TRP A 436 13.53 -21.09 -11.89
CA TRP A 436 13.01 -20.39 -13.05
C TRP A 436 14.11 -20.37 -14.12
N GLU A 437 13.75 -20.82 -15.32
CA GLU A 437 14.71 -20.90 -16.42
C GLU A 437 14.43 -19.86 -17.51
N ASN A 438 15.51 -19.27 -18.02
CA ASN A 438 15.43 -18.26 -19.07
C ASN A 438 16.34 -18.69 -20.23
N PRO A 439 15.76 -19.34 -21.26
CA PRO A 439 16.54 -19.85 -22.38
C PRO A 439 17.14 -18.74 -23.22
N TYR A 440 16.71 -17.49 -22.98
CA TYR A 440 17.03 -16.36 -23.87
C TYR A 440 18.21 -15.53 -23.40
N TYR A 441 18.61 -15.76 -22.16
CA TYR A 441 19.80 -15.12 -21.61
C TYR A 441 20.77 -16.15 -21.08
N SER A 442 22.05 -15.95 -21.37
CA SER A 442 23.10 -16.82 -20.86
C SER A 442 24.24 -15.94 -20.36
N GLY A 443 24.72 -16.21 -19.14
CA GLY A 443 25.84 -15.43 -18.59
C GLY A 443 25.65 -15.13 -17.12
N GLU A 444 26.37 -14.13 -16.63
CA GLU A 444 26.32 -13.76 -15.22
C GLU A 444 24.93 -13.25 -14.88
N LYS A 445 24.39 -13.61 -13.72
CA LYS A 445 23.04 -13.16 -13.39
C LYS A 445 22.85 -13.07 -11.90
N GLY A 446 21.79 -12.37 -11.47
CA GLY A 446 21.49 -12.22 -10.03
C GLY A 446 20.11 -12.70 -9.67
N TRP A 447 19.98 -13.23 -8.45
CA TRP A 447 18.68 -13.62 -7.88
C TRP A 447 18.50 -12.84 -6.59
N GLN A 448 17.54 -11.93 -6.61
CA GLN A 448 17.15 -11.19 -5.42
C GLN A 448 16.26 -12.10 -4.62
N TYR A 449 16.85 -12.72 -3.60
CA TYR A 449 16.17 -13.79 -2.87
C TYR A 449 15.45 -13.28 -1.62
N THR A 450 15.68 -12.02 -1.25
CA THR A 450 15.08 -11.48 -0.01
C THR A 450 14.94 -9.98 -0.05
N SER A 451 13.91 -9.48 0.63
CA SER A 451 13.75 -8.04 0.85
C SER A 451 13.70 -7.77 2.34
N SER A 452 14.07 -8.78 3.13
CA SER A 452 13.90 -8.71 4.57
C SER A 452 15.16 -8.99 5.40
N GLU A 453 16.33 -8.85 4.79
CA GLU A 453 17.58 -9.11 5.51
C GLU A 453 17.93 -7.92 6.41
N TYR A 454 18.58 -8.18 7.53
CA TYR A 454 19.10 -7.10 8.36
C TYR A 454 20.62 -7.11 8.18
N MET A 455 21.19 -5.92 8.04
CA MET A 455 22.64 -5.82 7.88
C MET A 455 23.24 -4.79 8.83
N LYS A 456 24.45 -5.08 9.28
CA LYS A 456 25.22 -4.17 10.13
C LYS A 456 25.40 -2.84 9.39
N GLY A 457 25.16 -1.74 10.09
CA GLY A 457 25.35 -0.44 9.46
C GLY A 457 24.18 0.07 8.66
N ILE A 458 23.10 -0.70 8.56
CA ILE A 458 21.90 -0.23 7.86
C ILE A 458 20.69 -0.35 8.79
N GLN A 459 19.88 0.71 8.86
CA GLN A 459 18.62 0.67 9.62
C GLN A 459 17.49 0.07 8.78
N GLY A 460 16.79 -0.92 9.34
CA GLY A 460 15.66 -1.51 8.65
C GLY A 460 16.07 -2.67 7.76
N ARG A 461 15.13 -3.16 6.96
CA ARG A 461 15.38 -4.36 6.16
C ARG A 461 16.04 -4.01 4.84
N VAL A 462 16.77 -4.97 4.27
CA VAL A 462 17.57 -4.71 3.06
C VAL A 462 17.31 -5.80 2.01
N ASP A 463 17.31 -5.41 0.74
CA ASP A 463 17.16 -6.36 -0.39
C ASP A 463 18.56 -6.95 -0.63
N VAL A 464 18.64 -8.27 -0.78
CA VAL A 464 19.93 -8.91 -1.06
C VAL A 464 19.77 -9.88 -2.22
N SER A 465 20.80 -9.97 -3.04
CA SER A 465 20.85 -10.89 -4.20
C SER A 465 22.14 -11.71 -4.14
N VAL A 466 22.09 -12.88 -4.76
CA VAL A 466 23.30 -13.66 -5.02
C VAL A 466 23.57 -13.51 -6.51
N TRP A 467 24.81 -13.17 -6.86
CA TRP A 467 25.21 -13.02 -8.24
C TRP A 467 26.04 -14.26 -8.56
N TYR A 468 25.72 -14.91 -9.68
CA TYR A 468 26.35 -16.16 -10.04
C TYR A 468 26.45 -16.29 -11.56
C1 GOL B . -53.27 27.40 3.52
O1 GOL B . -52.30 28.31 3.07
C2 GOL B . -52.72 26.41 4.54
O2 GOL B . -51.68 25.66 3.96
C3 GOL B . -53.84 25.47 4.93
O3 GOL B . -53.62 25.01 6.24
C1 GOL C . -35.04 34.10 7.08
O1 GOL C . -36.32 34.66 7.26
C2 GOL C . -35.12 32.97 6.06
O2 GOL C . -33.84 32.65 5.57
C3 GOL C . -36.01 33.28 4.85
O3 GOL C . -36.03 32.15 3.98
C1 GOL D . -31.61 17.41 -0.01
O1 GOL D . -31.21 18.72 0.34
C2 GOL D . -30.65 16.33 0.51
O2 GOL D . -29.61 16.91 1.23
C3 GOL D . -30.04 15.55 -0.65
O3 GOL D . -30.39 14.17 -0.50
C1 GOL E . -17.15 23.22 15.41
O1 GOL E . -16.45 24.45 15.35
C2 GOL E . -17.92 23.04 14.11
O2 GOL E . -17.41 23.86 13.08
C3 GOL E . -19.39 23.37 14.35
O3 GOL E . -20.12 23.02 13.20
C1 GOL F . -23.13 20.60 20.55
O1 GOL F . -23.85 21.34 21.52
C2 GOL F . -24.07 19.98 19.53
O2 GOL F . -25.36 20.55 19.61
C3 GOL F . -24.24 18.49 19.81
O3 GOL F . -23.09 17.78 19.46
C1 GOL G . -17.60 1.97 20.44
O1 GOL G . -16.73 1.08 21.11
C2 GOL G . -18.45 2.81 21.38
O2 GOL G . -19.80 2.37 21.37
C3 GOL G . -18.36 4.23 20.85
O3 GOL G . -19.65 4.73 20.62
C1 GOL H . -26.59 -3.16 10.63
O1 GOL H . -25.69 -3.83 9.78
C2 GOL H . -27.22 -4.12 11.61
O2 GOL H . -26.28 -5.11 11.97
C3 GOL H . -28.45 -4.78 11.00
O3 GOL H . -29.41 -4.97 12.01
C1 GOL I . -9.47 7.81 11.95
O1 GOL I . -10.20 7.27 13.05
C2 GOL I . -8.70 6.71 11.18
O2 GOL I . -7.76 6.11 12.05
C3 GOL I . -7.91 7.32 10.02
O3 GOL I . -7.47 6.30 9.14
C1 GOL J . 9.20 -21.23 20.11
O1 GOL J . 9.75 -20.60 18.97
C2 GOL J . 8.17 -22.29 19.71
O2 GOL J . 7.77 -22.10 18.37
C3 GOL J . 6.96 -22.19 20.64
O3 GOL J . 5.84 -22.85 20.07
C1 GOL K . 34.97 -14.37 -0.99
O1 GOL K . 35.00 -15.60 -0.31
C2 GOL K . 33.69 -14.29 -1.83
O2 GOL K . 33.69 -15.37 -2.74
C3 GOL K . 33.65 -13.01 -2.66
O3 GOL K . 33.37 -11.95 -1.78
C1 GOL L . 28.97 -14.41 -10.42
O1 GOL L . 29.12 -13.08 -10.92
C2 GOL L . 30.11 -14.86 -9.48
O2 GOL L . 31.24 -14.02 -9.52
C3 GOL L . 30.54 -16.29 -9.81
O3 GOL L . 31.06 -16.36 -11.14
C1 GOL M . 14.33 -16.09 2.94
O1 GOL M . 14.82 -16.39 1.65
C2 GOL M . 12.87 -15.66 2.83
O2 GOL M . 12.29 -16.30 1.72
C3 GOL M . 12.82 -14.14 2.65
O3 GOL M . 12.92 -13.86 1.27
C1 GOL N . 29.65 -7.11 -13.79
O1 GOL N . 28.49 -7.69 -13.24
C2 GOL N . 30.94 -7.65 -13.17
O2 GOL N . 30.69 -8.77 -12.36
C3 GOL N . 31.60 -6.54 -12.36
O3 GOL N . 32.11 -7.06 -11.14
C1 GOL O . 13.84 -3.45 -6.43
O1 GOL O . 15.15 -3.91 -6.21
C2 GOL O . 12.97 -3.88 -5.27
O2 GOL O . 11.77 -4.43 -5.78
C3 GOL O . 12.69 -2.62 -4.46
O3 GOL O . 11.71 -2.92 -3.49
C4 CHT P . -44.51 26.08 -0.75
C5 CHT P . -44.39 27.06 0.42
C6 CHT P . -44.55 27.43 2.76
C7 CHT P . -45.11 25.24 1.94
C8 CHT P . -46.57 27.06 1.52
O6 CHT P . -45.74 26.29 -1.47
N1 CHT P . -45.14 26.67 1.63
C4 CHT Q . -40.63 19.00 15.94
C5 CHT Q . -40.65 20.50 15.66
C6 CHT Q . -41.69 22.15 17.05
C7 CHT Q . -39.38 22.34 16.44
C8 CHT Q . -40.01 20.79 18.07
O6 CHT Q . -41.48 18.66 17.04
N1 CHT Q . -40.45 21.41 16.80
C4 CHT R . -27.04 23.89 12.69
C5 CHT R . -25.68 23.42 12.19
C6 CHT R . -26.25 21.02 12.29
C7 CHT R . -25.05 22.10 14.12
C8 CHT R . -23.99 21.72 12.00
O6 CHT R . -26.92 24.45 14.03
N1 CHT R . -25.27 22.09 12.66
C4 CHT S . -27.02 6.09 3.16
C5 CHT S . -25.90 6.89 3.87
C6 CHT S . -26.75 9.02 3.00
C7 CHT S . -24.66 8.19 2.13
C8 CHT S . -24.84 8.97 4.34
O6 CHT S . -26.54 5.71 1.88
N1 CHT S . -25.55 8.22 3.29
C4 CHT T . -24.43 -2.29 17.13
C5 CHT T . -23.69 -1.59 18.29
C6 CHT T . -22.81 0.11 16.82
C7 CHT T . -22.68 0.40 19.17
C8 CHT T . -24.80 0.58 18.11
O6 CHT T . -23.53 -3.13 16.39
N1 CHT T . -23.52 -0.13 18.09
C4 CHT U . -9.37 2.24 17.23
C5 CHT U . -7.87 1.87 17.32
C6 CHT U . -7.98 -0.46 16.61
C7 CHT U . -7.91 0.00 18.96
C8 CHT U . -5.99 0.42 17.57
O6 CHT U . -10.05 1.91 18.44
N1 CHT U . -7.47 0.48 17.62
C4 CHT V . -2.27 -9.54 3.55
C5 CHT V . -3.58 -8.70 3.69
C6 CHT V . -4.54 -9.05 5.85
C7 CHT V . -4.74 -10.82 4.26
C8 CHT V . -5.95 -8.78 3.94
O6 CHT V . -1.24 -8.68 2.99
N1 CHT V . -4.68 -9.35 4.43
C4 CHT W . 4.77 8.88 -10.54
C5 CHT W . 3.42 8.46 -9.98
C6 CHT W . 2.20 9.56 -8.21
C7 CHT W . 4.50 9.01 -7.80
C8 CHT W . 2.88 7.29 -7.99
O6 CHT W . 4.64 9.24 -11.92
N1 CHT W . 3.27 8.60 -8.51
#